data_9ATS
#
_entry.id   9ATS
#
_cell.length_a   100.969
_cell.length_b   57.327
_cell.length_c   49.604
_cell.angle_alpha   90.00
_cell.angle_beta   112.39
_cell.angle_gamma   90.00
#
_symmetry.space_group_name_H-M   'C 1 2 1'
#
loop_
_entity.id
_entity.type
_entity.pdbx_description
1 polymer '3C-like proteinase nsp5'
2 non-polymer '(1S,2S)-2-{[N-({[(2S)-1-(cyclohexylmethyl)-5-oxopyrrolidin-2-yl]methoxy}carbonyl)-L-leucyl]amino}-1-hydroxy-3-[(3S)-2-oxopyrrolidin-3-yl]propane-1-sulfonic acid'
3 water water
#
_entity_poly.entity_id   1
_entity_poly.type   'polypeptide(L)'
_entity_poly.pdbx_seq_one_letter_code
;MHHHHHHSGLVKMSHPSGDVEACMVQVTCGSMTLNGLWLDNTVWCPRHVMCPADQLSDPNYDALLISMTNHSFSVQKHIG
APANLRVVGHAMQGTLLKLTVDVANPSTPAYTFTTVKPGAAFSVLACYNGRPTGTFTVVMRPNYTIKGSFLCGSCGSVGY
TKEGSVINFCYMHQMELANGTHTGSAFDGTMYGAFMDKQVHQVQLTDKYCSVNVVAWLYAAILNGCAWFVKPNRTSVVSF
NEWALANQFTEFVGTQSVDMLAVKTGVAIEQLLYAIQQLYTGFQGKQILGSTMLEDEFTPEDVNMQIMGVVMQ
;
_entity_poly.pdbx_strand_id   A
#
loop_
_chem_comp.id
_chem_comp.type
_chem_comp.name
_chem_comp.formula
A1AGX non-polymer '(1S,2S)-2-{[N-({[(2S)-1-(cyclohexylmethyl)-5-oxopyrrolidin-2-yl]methoxy}carbonyl)-L-leucyl]amino}-1-hydroxy-3-[(3S)-2-oxopyrrolidin-3-yl]propane-1-sulfonic acid' 'C26 H44 N4 O9 S'
#
# COMPACT_ATOMS: atom_id res chain seq x y z
N HIS A 6 27.89 -6.11 8.86
CA HIS A 6 27.06 -7.26 8.53
C HIS A 6 25.74 -6.83 7.93
N HIS A 7 25.47 -7.28 6.70
CA HIS A 7 24.21 -6.95 6.05
C HIS A 7 23.05 -7.74 6.67
N SER A 8 21.89 -7.09 6.74
CA SER A 8 20.76 -7.67 7.46
C SER A 8 20.01 -8.74 6.66
N GLY A 9 20.21 -8.79 5.34
CA GLY A 9 19.37 -9.64 4.53
C GLY A 9 17.96 -9.13 4.33
N LEU A 10 17.68 -7.88 4.69
CA LEU A 10 16.36 -7.27 4.57
C LEU A 10 16.36 -6.30 3.40
N VAL A 11 15.65 -6.66 2.33
CA VAL A 11 15.45 -5.76 1.20
C VAL A 11 13.96 -5.49 1.06
N LYS A 12 13.64 -4.41 0.35
CA LYS A 12 12.26 -4.13 0.01
C LYS A 12 11.82 -5.15 -1.04
N MET A 13 11.12 -6.18 -0.59
CA MET A 13 10.78 -7.33 -1.41
C MET A 13 9.36 -7.17 -1.94
N SER A 14 9.20 -7.26 -3.26
CA SER A 14 7.90 -7.21 -3.90
C SER A 14 7.51 -8.61 -4.38
N HIS A 15 6.21 -8.86 -4.43
CA HIS A 15 5.72 -10.09 -5.03
C HIS A 15 6.12 -10.14 -6.50
N PRO A 16 6.18 -11.32 -7.09
CA PRO A 16 6.30 -11.39 -8.55
C PRO A 16 5.04 -10.84 -9.19
N SER A 17 5.23 -9.98 -10.19
CA SER A 17 4.13 -9.20 -10.74
C SER A 17 3.46 -9.82 -11.95
N GLY A 18 3.99 -10.94 -12.47
CA GLY A 18 3.53 -11.46 -13.74
C GLY A 18 2.04 -11.71 -13.79
N ASP A 19 1.47 -12.22 -12.70
CA ASP A 19 0.04 -12.50 -12.66
C ASP A 19 -0.78 -11.22 -12.86
N VAL A 20 -0.31 -10.11 -12.28
CA VAL A 20 -1.05 -8.87 -12.35
C VAL A 20 -0.78 -8.14 -13.66
N GLU A 21 0.42 -8.28 -14.22
CA GLU A 21 0.70 -7.64 -15.50
C GLU A 21 -0.27 -8.11 -16.57
N ALA A 22 -0.66 -9.38 -16.53
CA ALA A 22 -1.62 -9.93 -17.48
C ALA A 22 -3.04 -9.39 -17.27
N CYS A 23 -3.26 -8.56 -16.24
CA CYS A 23 -4.57 -8.00 -15.95
C CYS A 23 -4.64 -6.51 -16.22
N MET A 24 -3.56 -5.88 -16.70
CA MET A 24 -3.52 -4.44 -16.89
C MET A 24 -3.94 -4.08 -18.30
N VAL A 25 -4.80 -3.07 -18.42
CA VAL A 25 -5.24 -2.56 -19.71
C VAL A 25 -5.17 -1.04 -19.67
N GLN A 26 -5.43 -0.44 -20.82
CA GLN A 26 -5.53 1.02 -20.96
C GLN A 26 -6.99 1.41 -21.11
N VAL A 27 -7.44 2.34 -20.28
CA VAL A 27 -8.81 2.84 -20.32
C VAL A 27 -8.77 4.30 -20.73
N THR A 28 -9.39 4.60 -21.86
CA THR A 28 -9.47 5.96 -22.38
C THR A 28 -10.93 6.39 -22.46
N CYS A 29 -11.20 7.63 -22.06
CA CYS A 29 -12.56 8.19 -22.07
C CYS A 29 -12.46 9.65 -22.46
N GLY A 30 -12.43 9.90 -23.75
CA GLY A 30 -12.35 11.27 -24.28
C GLY A 30 -10.89 11.73 -24.39
N SER A 31 -10.53 12.75 -23.60
CA SER A 31 -9.17 13.27 -23.56
C SER A 31 -8.39 12.74 -22.36
N MET A 32 -8.89 11.71 -21.69
CA MET A 32 -8.26 11.16 -20.49
C MET A 32 -7.88 9.71 -20.73
N THR A 33 -6.66 9.36 -20.33
CA THR A 33 -6.19 7.99 -20.41
C THR A 33 -5.51 7.63 -19.10
N LEU A 34 -5.65 6.36 -18.71
CA LEU A 34 -5.00 5.82 -17.53
C LEU A 34 -5.04 4.31 -17.63
N ASN A 35 -4.81 3.62 -16.52
CA ASN A 35 -4.73 2.17 -16.49
C ASN A 35 -5.98 1.58 -15.85
N GLY A 36 -6.33 0.38 -16.30
CA GLY A 36 -7.42 -0.37 -15.71
C GLY A 36 -6.98 -1.77 -15.35
N LEU A 37 -7.75 -2.39 -14.45
CA LEU A 37 -7.49 -3.74 -13.98
C LEU A 37 -8.58 -4.66 -14.53
N TRP A 38 -8.19 -5.57 -15.41
CA TRP A 38 -9.12 -6.42 -16.15
C TRP A 38 -9.21 -7.78 -15.46
N LEU A 39 -10.30 -8.00 -14.74
CA LEU A 39 -10.57 -9.28 -14.09
C LEU A 39 -11.93 -9.79 -14.55
N ASP A 40 -11.97 -11.01 -15.05
CA ASP A 40 -13.20 -11.62 -15.60
C ASP A 40 -13.74 -10.67 -16.66
N ASN A 41 -15.03 -10.31 -16.61
CA ASN A 41 -15.66 -9.41 -17.57
C ASN A 41 -15.68 -7.97 -17.10
N THR A 42 -14.97 -7.65 -16.02
CA THR A 42 -14.99 -6.32 -15.43
C THR A 42 -13.62 -5.66 -15.54
N VAL A 43 -13.60 -4.37 -15.86
CA VAL A 43 -12.39 -3.57 -15.87
C VAL A 43 -12.58 -2.43 -14.89
N TRP A 44 -11.76 -2.40 -13.84
CA TRP A 44 -11.78 -1.35 -12.83
C TRP A 44 -10.77 -0.27 -13.21
N CYS A 45 -11.14 0.99 -13.00
CA CYS A 45 -10.23 2.10 -13.20
C CYS A 45 -10.75 3.30 -12.41
N PRO A 46 -9.91 4.30 -12.15
CA PRO A 46 -10.37 5.47 -11.40
C PRO A 46 -11.45 6.23 -12.18
N ARG A 47 -12.38 6.81 -11.43
CA ARG A 47 -13.52 7.47 -12.06
C ARG A 47 -13.19 8.83 -12.64
N HIS A 48 -12.05 9.43 -12.29
CA HIS A 48 -11.69 10.71 -12.89
C HIS A 48 -11.15 10.56 -14.30
N VAL A 49 -11.27 9.37 -14.88
CA VAL A 49 -11.06 9.21 -16.31
C VAL A 49 -12.21 9.84 -17.12
N MET A 50 -13.37 10.03 -16.51
CA MET A 50 -14.47 10.73 -17.15
C MET A 50 -14.39 12.24 -17.02
N CYS A 51 -13.36 12.75 -16.33
CA CYS A 51 -13.33 14.17 -16.02
CA CYS A 51 -13.29 14.17 -16.00
C CYS A 51 -12.65 14.96 -17.13
N PRO A 52 -13.30 15.98 -17.67
CA PRO A 52 -12.60 16.90 -18.56
C PRO A 52 -11.54 17.64 -17.77
N ALA A 53 -10.42 17.95 -18.43
CA ALA A 53 -9.30 18.57 -17.74
C ALA A 53 -9.67 19.91 -17.10
N ASP A 54 -10.76 20.55 -17.53
CA ASP A 54 -11.23 21.79 -16.96
C ASP A 54 -12.26 21.56 -15.84
N GLN A 55 -12.25 20.38 -15.21
CA GLN A 55 -13.22 20.08 -14.17
C GLN A 55 -12.65 19.22 -13.05
N LEU A 56 -11.33 19.00 -13.02
CA LEU A 56 -10.73 18.10 -12.03
C LEU A 56 -10.86 18.61 -10.60
N SER A 57 -11.13 19.91 -10.41
CA SER A 57 -11.11 20.49 -9.08
C SER A 57 -12.41 20.22 -8.31
N ASP A 58 -13.56 20.39 -8.96
CA ASP A 58 -14.85 20.07 -8.35
C ASP A 58 -15.73 19.40 -9.40
N PRO A 59 -15.44 18.15 -9.73
CA PRO A 59 -16.24 17.45 -10.73
C PRO A 59 -17.51 16.86 -10.15
N ASN A 60 -18.53 16.76 -11.00
CA ASN A 60 -19.78 16.09 -10.64
C ASN A 60 -19.74 14.71 -11.29
N TYR A 61 -19.29 13.72 -10.51
CA TYR A 61 -19.11 12.37 -11.05
C TYR A 61 -20.45 11.71 -11.35
N ASP A 62 -21.50 12.08 -10.62
CA ASP A 62 -22.81 11.49 -10.90
C ASP A 62 -23.37 11.99 -12.23
N ALA A 63 -23.21 13.28 -12.52
CA ALA A 63 -23.62 13.81 -13.81
C ALA A 63 -22.69 13.33 -14.92
N LEU A 64 -21.39 13.27 -14.65
CA LEU A 64 -20.45 12.74 -15.64
C LEU A 64 -20.78 11.31 -16.00
N LEU A 65 -21.12 10.48 -15.00
CA LEU A 65 -21.46 9.09 -15.25
C LEU A 65 -22.72 8.99 -16.10
N ILE A 66 -23.74 9.77 -15.74
CA ILE A 66 -25.00 9.79 -16.49
C ILE A 66 -24.75 10.21 -17.93
N SER A 67 -23.77 11.09 -18.17
CA SER A 67 -23.45 11.52 -19.51
C SER A 67 -22.71 10.45 -20.31
N MET A 68 -22.11 9.47 -19.65
CA MET A 68 -21.33 8.45 -20.33
C MET A 68 -22.23 7.40 -20.96
N THR A 69 -21.79 6.88 -22.10
CA THR A 69 -22.38 5.71 -22.73
C THR A 69 -21.29 4.64 -22.86
N ASN A 70 -21.68 3.47 -23.37
CA ASN A 70 -20.71 2.40 -23.56
C ASN A 70 -19.71 2.74 -24.66
N HIS A 71 -20.08 3.60 -25.61
CA HIS A 71 -19.15 4.02 -26.66
C HIS A 71 -18.20 5.12 -26.20
N SER A 72 -18.30 5.56 -24.94
CA SER A 72 -17.40 6.58 -24.41
C SER A 72 -16.15 6.00 -23.79
N PHE A 73 -16.06 4.68 -23.64
CA PHE A 73 -14.94 4.03 -22.97
C PHE A 73 -14.21 3.14 -23.97
N SER A 74 -12.93 3.42 -24.17
CA SER A 74 -12.06 2.57 -24.96
C SER A 74 -11.13 1.81 -24.03
N VAL A 75 -11.11 0.49 -24.16
CA VAL A 75 -10.27 -0.38 -23.35
C VAL A 75 -9.34 -1.15 -24.29
N GLN A 76 -8.03 -1.05 -24.04
CA GLN A 76 -7.03 -1.73 -24.86
C GLN A 76 -6.02 -2.41 -23.97
N LYS A 77 -5.61 -3.60 -24.37
CA LYS A 77 -4.50 -4.33 -23.77
C LYS A 77 -3.35 -4.42 -24.76
N HIS A 78 -2.13 -4.24 -24.26
CA HIS A 78 -0.94 -4.32 -25.11
C HIS A 78 -0.01 -5.45 -24.66
N ALA A 83 -4.89 -6.50 -27.86
CA ALA A 83 -6.32 -6.73 -27.95
C ALA A 83 -7.11 -5.48 -27.57
N ASN A 84 -8.28 -5.31 -28.16
CA ASN A 84 -9.19 -4.22 -27.81
C ASN A 84 -10.47 -4.82 -27.25
N LEU A 85 -10.94 -4.27 -26.13
CA LEU A 85 -12.10 -4.79 -25.42
C LEU A 85 -13.29 -3.86 -25.64
N ARG A 86 -14.38 -4.43 -26.15
CA ARG A 86 -15.60 -3.66 -26.37
C ARG A 86 -16.39 -3.57 -25.07
N VAL A 87 -16.84 -2.36 -24.74
CA VAL A 87 -17.54 -2.11 -23.48
C VAL A 87 -19.03 -2.28 -23.70
N VAL A 88 -19.67 -3.03 -22.79
CA VAL A 88 -21.11 -3.26 -22.83
C VAL A 88 -21.81 -2.82 -21.55
N GLY A 89 -21.08 -2.25 -20.60
CA GLY A 89 -21.69 -1.80 -19.36
C GLY A 89 -20.76 -0.93 -18.55
N HIS A 90 -21.32 0.05 -17.83
CA HIS A 90 -20.52 0.94 -17.01
C HIS A 90 -21.30 1.27 -15.73
N ALA A 91 -20.58 1.26 -14.61
CA ALA A 91 -21.14 1.59 -13.31
C ALA A 91 -20.06 2.24 -12.48
N MET A 92 -20.47 2.86 -11.37
CA MET A 92 -19.57 3.65 -10.54
C MET A 92 -19.78 3.26 -9.08
N GLN A 93 -18.75 2.70 -8.46
CA GLN A 93 -18.74 2.41 -7.04
C GLN A 93 -17.68 3.28 -6.38
N GLY A 94 -18.12 4.28 -5.62
CA GLY A 94 -17.18 5.16 -4.95
C GLY A 94 -16.35 5.94 -5.95
N THR A 95 -15.02 5.92 -5.75
CA THR A 95 -14.08 6.59 -6.64
C THR A 95 -13.62 5.69 -7.78
N LEU A 96 -14.32 4.60 -8.05
CA LEU A 96 -13.89 3.62 -9.04
C LEU A 96 -14.98 3.38 -10.06
N LEU A 97 -14.55 3.15 -11.30
CA LEU A 97 -15.46 2.77 -12.38
C LEU A 97 -15.48 1.25 -12.52
N LYS A 98 -16.67 0.71 -12.75
CA LYS A 98 -16.87 -0.72 -13.00
C LYS A 98 -17.31 -0.86 -14.46
N LEU A 99 -16.35 -1.04 -15.34
CA LEU A 99 -16.62 -1.23 -16.76
C LEU A 99 -16.85 -2.72 -17.05
N THR A 100 -17.95 -3.03 -17.70
CA THR A 100 -18.23 -4.40 -18.13
C THR A 100 -17.83 -4.54 -19.59
N VAL A 101 -16.93 -5.48 -19.86
CA VAL A 101 -16.48 -5.75 -21.21
C VAL A 101 -17.05 -7.09 -21.66
N ASP A 102 -17.07 -7.29 -22.97
CA ASP A 102 -17.68 -8.46 -23.58
C ASP A 102 -16.74 -9.67 -23.63
N VAL A 103 -15.48 -9.50 -23.26
CA VAL A 103 -14.51 -10.59 -23.24
C VAL A 103 -13.99 -10.74 -21.82
N ALA A 104 -14.09 -11.96 -21.28
CA ALA A 104 -13.51 -12.26 -19.98
C ALA A 104 -12.01 -12.49 -20.12
N ASN A 105 -11.26 -11.99 -19.16
CA ASN A 105 -9.80 -12.11 -19.19
C ASN A 105 -9.39 -13.57 -19.02
N PRO A 106 -8.79 -14.20 -20.03
CA PRO A 106 -8.40 -15.61 -19.88
C PRO A 106 -7.21 -15.80 -18.96
N SER A 107 -6.51 -14.73 -18.58
CA SER A 107 -5.40 -14.80 -17.66
C SER A 107 -5.81 -14.40 -16.24
N THR A 108 -7.11 -14.40 -15.95
CA THR A 108 -7.60 -13.97 -14.66
C THR A 108 -7.13 -14.91 -13.55
N PRO A 109 -6.38 -14.43 -12.57
CA PRO A 109 -5.94 -15.29 -11.47
C PRO A 109 -7.02 -15.39 -10.40
N ALA A 110 -6.85 -16.38 -9.52
CA ALA A 110 -7.66 -16.43 -8.31
C ALA A 110 -7.39 -15.18 -7.49
N TYR A 111 -8.45 -14.43 -7.19
CA TYR A 111 -8.27 -13.12 -6.59
C TYR A 111 -9.39 -12.82 -5.61
N THR A 112 -9.04 -12.05 -4.57
CA THR A 112 -10.01 -11.41 -3.71
C THR A 112 -9.68 -9.92 -3.64
N PHE A 113 -10.63 -9.16 -3.14
CA PHE A 113 -10.42 -7.76 -2.79
C PHE A 113 -10.33 -7.65 -1.28
N THR A 114 -9.41 -6.82 -0.80
CA THR A 114 -9.29 -6.61 0.63
C THR A 114 -8.69 -5.23 0.87
N THR A 115 -9.00 -4.66 2.04
CA THR A 115 -8.44 -3.36 2.42
C THR A 115 -7.22 -3.59 3.30
N VAL A 116 -6.20 -2.78 3.04
CA VAL A 116 -4.93 -2.90 3.79
C VAL A 116 -5.00 -1.95 4.98
N LYS A 117 -4.50 -2.40 6.11
CA LYS A 117 -4.48 -1.58 7.32
C LYS A 117 -3.14 -0.88 7.45
N PRO A 118 -3.07 0.20 8.22
CA PRO A 118 -1.79 0.89 8.43
C PRO A 118 -0.75 -0.06 8.99
N GLY A 119 0.49 0.11 8.53
CA GLY A 119 1.59 -0.74 8.91
C GLY A 119 1.80 -1.93 8.00
N ALA A 120 0.75 -2.43 7.37
CA ALA A 120 0.87 -3.59 6.50
C ALA A 120 1.46 -3.20 5.15
N ALA A 121 2.20 -4.13 4.55
CA ALA A 121 2.88 -3.89 3.30
C ALA A 121 2.14 -4.54 2.13
N PHE A 122 2.35 -4.00 0.95
CA PHE A 122 1.78 -4.58 -0.26
C PHE A 122 2.64 -4.18 -1.45
N SER A 123 2.43 -4.88 -2.57
CA SER A 123 3.22 -4.66 -3.76
C SER A 123 2.42 -3.84 -4.76
N VAL A 124 3.10 -2.90 -5.40
CA VAL A 124 2.49 -1.99 -6.37
C VAL A 124 3.10 -2.26 -7.74
N LEU A 125 2.26 -2.31 -8.77
CA LEU A 125 2.69 -2.44 -10.15
C LEU A 125 2.43 -1.11 -10.84
N ALA A 126 3.48 -0.32 -11.04
CA ALA A 126 3.36 1.00 -11.65
C ALA A 126 3.25 0.86 -13.16
N CYS A 127 2.16 1.35 -13.73
CA CYS A 127 1.90 1.22 -15.16
C CYS A 127 1.64 2.60 -15.76
N TYR A 128 1.79 2.67 -17.09
CA TYR A 128 1.47 3.86 -17.85
C TYR A 128 0.94 3.42 -19.20
N ASN A 129 -0.24 3.93 -19.58
CA ASN A 129 -0.90 3.53 -20.81
C ASN A 129 -1.12 2.02 -20.86
N GLY A 130 -1.47 1.44 -19.72
CA GLY A 130 -1.68 0.01 -19.64
C GLY A 130 -0.43 -0.83 -19.73
N ARG A 131 0.75 -0.22 -19.76
CA ARG A 131 2.00 -0.95 -19.90
C ARG A 131 2.72 -0.97 -18.55
N PRO A 132 2.89 -2.13 -17.92
CA PRO A 132 3.59 -2.17 -16.63
C PRO A 132 5.05 -1.73 -16.78
N THR A 133 5.44 -0.74 -15.98
CA THR A 133 6.78 -0.17 -16.07
CA THR A 133 6.77 -0.13 -16.05
C THR A 133 7.68 -0.54 -14.91
N GLY A 134 7.15 -0.68 -13.69
CA GLY A 134 7.97 -1.07 -12.57
C GLY A 134 7.11 -1.57 -11.43
N THR A 135 7.75 -2.30 -10.52
CA THR A 135 7.07 -2.80 -9.34
C THR A 135 7.87 -2.44 -8.09
N PHE A 136 7.15 -2.22 -7.00
CA PHE A 136 7.77 -1.81 -5.74
C PHE A 136 6.78 -2.06 -4.61
N THR A 137 7.31 -2.17 -3.40
CA THR A 137 6.52 -2.50 -2.22
C THR A 137 6.54 -1.33 -1.24
N VAL A 138 5.38 -1.04 -0.66
CA VAL A 138 5.23 0.06 0.29
C VAL A 138 4.49 -0.46 1.51
N VAL A 139 4.48 0.37 2.55
CA VAL A 139 3.70 0.13 3.75
C VAL A 139 2.65 1.21 3.85
N MET A 140 1.40 0.82 4.11
CA MET A 140 0.34 1.79 4.33
C MET A 140 0.69 2.65 5.55
N ARG A 141 1.00 3.92 5.33
CA ARG A 141 1.36 4.79 6.43
C ARG A 141 0.17 5.00 7.36
N PRO A 142 0.41 5.32 8.64
CA PRO A 142 -0.71 5.52 9.58
C PRO A 142 -1.69 6.61 9.14
N ASN A 143 -1.25 7.60 8.36
CA ASN A 143 -2.14 8.61 7.82
C ASN A 143 -2.80 8.18 6.51
N TYR A 144 -2.75 6.88 6.19
CA TYR A 144 -3.38 6.30 5.02
C TYR A 144 -2.84 6.88 3.71
N THR A 145 -1.54 7.16 3.70
CA THR A 145 -0.79 7.44 2.48
C THR A 145 0.28 6.37 2.32
N ILE A 146 1.00 6.44 1.19
CA ILE A 146 2.16 5.59 0.96
C ILE A 146 3.25 6.44 0.32
N LYS A 147 4.50 6.06 0.59
CA LYS A 147 5.66 6.73 -0.01
C LYS A 147 6.01 5.99 -1.30
N GLY A 148 5.23 6.24 -2.34
CA GLY A 148 5.36 5.55 -3.60
C GLY A 148 6.21 6.31 -4.60
N SER A 149 6.11 5.88 -5.86
CA SER A 149 6.84 6.49 -6.99
C SER A 149 5.87 6.51 -8.16
N PHE A 150 5.14 7.61 -8.30
CA PHE A 150 4.07 7.74 -9.29
C PHE A 150 4.22 9.06 -10.04
N LEU A 151 4.06 9.00 -11.35
CA LEU A 151 4.10 10.17 -12.23
C LEU A 151 2.75 10.33 -12.93
N CYS A 152 2.63 11.40 -13.71
CA CYS A 152 1.41 11.67 -14.46
CA CYS A 152 1.40 11.65 -14.46
C CYS A 152 1.11 10.49 -15.40
N GLY A 153 -0.10 9.94 -15.27
CA GLY A 153 -0.53 8.81 -16.06
C GLY A 153 -0.44 7.48 -15.36
N SER A 154 0.07 7.45 -14.13
CA SER A 154 0.20 6.22 -13.36
C SER A 154 -1.09 5.79 -12.68
N CYS A 155 -2.12 6.64 -12.70
CA CYS A 155 -3.39 6.30 -12.06
C CYS A 155 -3.99 5.04 -12.68
N GLY A 156 -4.55 4.20 -11.84
CA GLY A 156 -4.96 2.87 -12.24
C GLY A 156 -3.97 1.79 -11.89
N SER A 157 -2.73 2.17 -11.57
CA SER A 157 -1.76 1.22 -11.04
C SER A 157 -2.32 0.58 -9.78
N VAL A 158 -2.07 -0.72 -9.62
CA VAL A 158 -2.73 -1.49 -8.59
C VAL A 158 -1.73 -1.90 -7.52
N GLY A 159 -2.23 -2.05 -6.30
CA GLY A 159 -1.46 -2.58 -5.20
C GLY A 159 -2.12 -3.86 -4.71
N TYR A 160 -1.30 -4.81 -4.28
CA TYR A 160 -1.81 -6.13 -3.96
C TYR A 160 -0.88 -6.84 -2.99
N THR A 161 -1.44 -7.82 -2.29
CA THR A 161 -0.69 -8.83 -1.55
C THR A 161 -1.01 -10.19 -2.15
N LYS A 162 -0.25 -11.20 -1.72
CA LYS A 162 -0.42 -12.56 -2.21
C LYS A 162 -0.58 -13.51 -1.04
N GLU A 163 -1.57 -14.40 -1.12
CA GLU A 163 -1.78 -15.46 -0.15
C GLU A 163 -1.92 -16.76 -0.93
N GLY A 164 -0.84 -17.52 -1.04
CA GLY A 164 -0.85 -18.71 -1.87
C GLY A 164 -0.91 -18.32 -3.34
N SER A 165 -1.87 -18.90 -4.05
CA SER A 165 -2.13 -18.50 -5.43
C SER A 165 -3.16 -17.38 -5.53
N VAL A 166 -3.76 -16.97 -4.42
CA VAL A 166 -4.79 -15.95 -4.42
C VAL A 166 -4.14 -14.57 -4.34
N ILE A 167 -4.60 -13.66 -5.18
CA ILE A 167 -4.12 -12.28 -5.19
C ILE A 167 -5.16 -11.40 -4.50
N ASN A 168 -4.72 -10.66 -3.48
CA ASN A 168 -5.59 -9.76 -2.74
C ASN A 168 -5.34 -8.35 -3.23
N PHE A 169 -6.21 -7.86 -4.10
CA PHE A 169 -6.10 -6.50 -4.60
C PHE A 169 -6.58 -5.52 -3.54
N CYS A 170 -5.74 -4.54 -3.23
CA CYS A 170 -6.01 -3.65 -2.09
C CYS A 170 -5.89 -2.17 -2.39
N TYR A 171 -5.42 -1.77 -3.57
CA TYR A 171 -5.07 -0.37 -3.78
C TYR A 171 -5.11 -0.09 -5.27
N MET A 172 -5.74 1.02 -5.65
CA MET A 172 -5.67 1.50 -7.02
C MET A 172 -5.34 2.98 -6.97
N HIS A 173 -4.21 3.34 -7.59
CA HIS A 173 -3.62 4.65 -7.36
C HIS A 173 -4.52 5.76 -7.90
N GLN A 174 -4.62 6.85 -7.13
CA GLN A 174 -5.52 7.94 -7.46
C GLN A 174 -4.83 9.30 -7.50
N MET A 175 -3.92 9.59 -6.57
CA MET A 175 -3.50 10.97 -6.42
C MET A 175 -2.18 11.05 -5.65
N GLU A 176 -1.54 12.21 -5.77
CA GLU A 176 -0.31 12.54 -5.05
C GLU A 176 -0.57 13.75 -4.19
N LEU A 177 -0.36 13.61 -2.88
CA LEU A 177 -0.59 14.73 -1.97
C LEU A 177 0.55 15.73 -2.05
N ALA A 178 0.36 16.87 -1.38
CA ALA A 178 1.31 17.97 -1.45
C ALA A 178 2.71 17.55 -1.06
N ASN A 179 2.84 16.67 -0.08
CA ASN A 179 4.15 16.28 0.42
C ASN A 179 4.87 15.23 -0.41
N GLY A 180 4.33 14.88 -1.59
CA GLY A 180 4.94 13.88 -2.44
C GLY A 180 4.51 12.46 -2.17
N THR A 181 3.80 12.22 -1.08
CA THR A 181 3.27 10.88 -0.83
C THR A 181 2.04 10.66 -1.71
N HIS A 182 1.48 9.45 -1.62
CA HIS A 182 0.42 9.05 -2.53
C HIS A 182 -0.67 8.35 -1.75
N THR A 183 -1.87 8.31 -2.34
CA THR A 183 -2.96 7.52 -1.81
C THR A 183 -3.84 7.08 -2.96
N GLY A 184 -4.77 6.20 -2.66
CA GLY A 184 -5.62 5.62 -3.65
C GLY A 184 -6.85 5.04 -3.00
N SER A 185 -7.48 4.11 -3.70
CA SER A 185 -8.75 3.57 -3.27
C SER A 185 -8.66 2.07 -3.07
N ALA A 186 -9.39 1.56 -2.10
CA ALA A 186 -9.70 0.14 -2.07
C ALA A 186 -10.64 -0.18 -3.23
N PHE A 187 -10.86 -1.47 -3.48
CA PHE A 187 -11.70 -1.86 -4.59
C PHE A 187 -13.19 -1.92 -4.20
N ASP A 188 -13.54 -1.42 -3.03
CA ASP A 188 -14.92 -1.11 -2.69
C ASP A 188 -15.30 0.31 -3.08
N GLY A 189 -14.34 1.10 -3.58
CA GLY A 189 -14.59 2.46 -3.99
C GLY A 189 -14.10 3.52 -3.03
N THR A 190 -13.84 3.17 -1.77
CA THR A 190 -13.43 4.14 -0.77
C THR A 190 -11.96 4.52 -0.97
N MET A 191 -11.69 5.83 -0.94
CA MET A 191 -10.31 6.29 -0.81
C MET A 191 -9.75 5.90 0.55
N TYR A 192 -8.46 5.61 0.57
CA TYR A 192 -7.80 5.36 1.84
C TYR A 192 -7.68 6.66 2.63
N GLY A 193 -8.07 6.63 3.90
CA GLY A 193 -8.09 7.83 4.69
C GLY A 193 -9.31 8.70 4.38
N ALA A 194 -9.13 10.00 4.55
CA ALA A 194 -10.20 10.97 4.35
C ALA A 194 -10.02 11.79 3.07
N PHE A 195 -9.30 11.25 2.10
CA PHE A 195 -9.01 11.98 0.86
C PHE A 195 -10.14 11.80 -0.14
N MET A 196 -10.18 12.71 -1.11
CA MET A 196 -11.21 12.71 -2.15
C MET A 196 -10.55 12.94 -3.49
N ASP A 197 -11.09 12.29 -4.53
CA ASP A 197 -10.52 12.37 -5.88
C ASP A 197 -10.96 13.65 -6.59
N LYS A 198 -10.56 14.78 -6.00
CA LYS A 198 -10.71 16.09 -6.59
C LYS A 198 -9.40 16.85 -6.44
N GLN A 199 -9.02 17.59 -7.48
CA GLN A 199 -7.73 18.29 -7.47
C GLN A 199 -7.84 19.63 -6.76
N VAL A 200 -8.14 19.55 -5.46
CA VAL A 200 -8.10 20.68 -4.55
C VAL A 200 -7.21 20.31 -3.39
N HIS A 201 -6.58 21.32 -2.78
CA HIS A 201 -5.73 21.06 -1.62
C HIS A 201 -6.55 20.44 -0.51
N GLN A 202 -5.98 19.42 0.14
CA GLN A 202 -6.68 18.68 1.17
C GLN A 202 -5.80 18.55 2.40
N VAL A 203 -6.44 18.48 3.56
CA VAL A 203 -5.71 18.28 4.81
C VAL A 203 -5.11 16.89 4.82
N GLN A 204 -3.86 16.79 5.27
CA GLN A 204 -3.18 15.50 5.42
C GLN A 204 -2.98 15.23 6.90
N LEU A 205 -3.46 14.09 7.36
CA LEU A 205 -3.27 13.70 8.74
C LEU A 205 -1.78 13.51 9.03
N THR A 206 -1.44 13.59 10.31
CA THR A 206 -0.04 13.41 10.70
C THR A 206 0.39 11.96 10.44
N ASP A 207 1.66 11.80 10.13
CA ASP A 207 2.24 10.48 10.02
C ASP A 207 2.81 10.05 11.36
N LYS A 208 2.96 8.74 11.54
CA LYS A 208 3.41 8.18 12.81
C LYS A 208 4.33 7.00 12.55
N TYR A 209 5.22 6.74 13.50
CA TYR A 209 5.99 5.51 13.48
C TYR A 209 5.06 4.32 13.68
N CYS A 210 5.23 3.29 12.88
CA CYS A 210 4.48 2.04 13.07
CA CYS A 210 4.48 2.05 13.08
C CYS A 210 5.21 1.22 14.13
N SER A 211 4.67 1.21 15.36
CA SER A 211 5.35 0.56 16.47
C SER A 211 5.63 -0.91 16.17
N VAL A 212 4.64 -1.62 15.65
CA VAL A 212 4.82 -3.04 15.35
C VAL A 212 5.94 -3.25 14.34
N ASN A 213 6.04 -2.37 13.35
CA ASN A 213 7.10 -2.50 12.35
C ASN A 213 8.47 -2.15 12.90
N VAL A 214 8.53 -1.25 13.90
CA VAL A 214 9.80 -0.97 14.55
C VAL A 214 10.23 -2.16 15.40
N VAL A 215 9.28 -2.79 16.09
CA VAL A 215 9.60 -3.98 16.89
C VAL A 215 10.10 -5.09 15.99
N ALA A 216 9.45 -5.29 14.83
CA ALA A 216 9.92 -6.29 13.89
C ALA A 216 11.34 -5.99 13.43
N TRP A 217 11.63 -4.71 13.19
CA TRP A 217 12.96 -4.32 12.73
C TRP A 217 14.01 -4.55 13.80
N LEU A 218 13.68 -4.29 15.06
CA LEU A 218 14.61 -4.57 16.15
C LEU A 218 14.82 -6.07 16.34
N TYR A 219 13.79 -6.88 16.10
CA TYR A 219 13.95 -8.32 16.15
C TYR A 219 14.87 -8.80 15.03
N ALA A 220 14.77 -8.19 13.85
CA ALA A 220 15.66 -8.53 12.75
C ALA A 220 17.11 -8.20 13.08
N ALA A 221 17.33 -7.12 13.82
CA ALA A 221 18.69 -6.80 14.27
C ALA A 221 19.21 -7.87 15.22
N ILE A 222 18.38 -8.29 16.17
CA ILE A 222 18.76 -9.39 17.06
C ILE A 222 19.01 -10.66 16.25
N LEU A 223 18.17 -10.91 15.24
CA LEU A 223 18.37 -12.03 14.32
C LEU A 223 19.69 -11.94 13.57
N ASN A 224 20.27 -10.75 13.46
CA ASN A 224 21.54 -10.54 12.77
C ASN A 224 22.71 -10.37 13.73
N GLY A 225 22.51 -10.62 15.03
CA GLY A 225 23.56 -10.49 16.01
C GLY A 225 23.71 -9.11 16.61
N CYS A 226 22.94 -8.13 16.17
CA CYS A 226 23.00 -6.77 16.70
C CYS A 226 21.97 -6.63 17.81
N ALA A 227 22.44 -6.53 19.05
CA ALA A 227 21.50 -6.52 20.18
C ALA A 227 21.97 -5.65 21.34
N TRP A 228 22.82 -4.65 21.11
CA TRP A 228 23.31 -3.81 22.20
C TRP A 228 22.19 -3.04 22.87
N PHE A 229 21.10 -2.76 22.14
CA PHE A 229 19.98 -2.02 22.68
C PHE A 229 19.14 -2.84 23.66
N VAL A 230 19.28 -4.16 23.63
CA VAL A 230 18.47 -5.04 24.46
C VAL A 230 18.97 -4.94 25.90
N LYS A 231 18.13 -4.40 26.78
CA LYS A 231 18.36 -4.35 28.21
C LYS A 231 17.27 -5.13 28.93
N PRO A 232 17.53 -5.61 30.15
CA PRO A 232 16.48 -6.34 30.88
C PRO A 232 15.27 -5.48 31.24
N ASN A 233 15.38 -4.16 31.11
CA ASN A 233 14.25 -3.29 31.42
C ASN A 233 13.10 -3.55 30.45
N ARG A 234 11.88 -3.43 30.95
CA ARG A 234 10.69 -3.74 30.18
C ARG A 234 9.68 -2.60 30.30
N THR A 235 8.88 -2.45 29.25
CA THR A 235 7.74 -1.53 29.26
C THR A 235 6.51 -2.33 28.84
N SER A 236 5.48 -2.32 29.68
CA SER A 236 4.24 -3.00 29.33
C SER A 236 3.66 -2.40 28.05
N VAL A 237 2.83 -3.19 27.37
CA VAL A 237 2.20 -2.71 26.13
C VAL A 237 1.28 -1.55 26.43
N VAL A 238 0.59 -1.59 27.57
CA VAL A 238 -0.32 -0.50 27.92
CA VAL A 238 -0.32 -0.51 27.94
C VAL A 238 0.45 0.77 28.25
N SER A 239 1.57 0.65 28.97
CA SER A 239 2.38 1.82 29.28
C SER A 239 3.01 2.39 28.01
N PHE A 240 3.44 1.52 27.10
CA PHE A 240 4.02 2.00 25.85
C PHE A 240 2.98 2.70 24.99
N ASN A 241 1.74 2.20 24.99
CA ASN A 241 0.70 2.80 24.17
C ASN A 241 0.32 4.18 24.66
N GLU A 242 0.24 4.37 25.98
CA GLU A 242 0.08 5.71 26.52
C GLU A 242 1.22 6.61 26.11
N TRP A 243 2.46 6.07 26.14
CA TRP A 243 3.61 6.83 25.67
C TRP A 243 3.52 7.12 24.18
N ALA A 244 3.01 6.17 23.39
CA ALA A 244 3.00 6.30 21.94
C ALA A 244 2.08 7.43 21.49
N LEU A 245 0.95 7.60 22.18
CA LEU A 245 -0.01 8.64 21.80
C LEU A 245 0.60 10.03 21.87
N ALA A 246 1.58 10.24 22.75
CA ALA A 246 2.20 11.54 22.93
C ALA A 246 3.49 11.70 22.15
N ASN A 247 3.90 10.70 21.36
CA ASN A 247 5.21 10.72 20.72
C ASN A 247 5.14 10.33 19.24
N GLN A 248 3.96 10.46 18.61
CA GLN A 248 3.79 10.17 17.19
C GLN A 248 4.16 8.72 16.84
N PHE A 249 3.89 7.80 17.75
CA PHE A 249 3.97 6.38 17.48
C PHE A 249 2.57 5.79 17.46
N THR A 250 2.33 4.86 16.55
CA THR A 250 1.11 4.06 16.63
C THR A 250 1.13 3.23 17.91
N GLU A 251 -0.06 2.90 18.39
CA GLU A 251 -0.15 2.00 19.54
C GLU A 251 0.16 0.57 19.08
N PHE A 252 0.89 -0.16 19.93
CA PHE A 252 1.38 -1.47 19.55
C PHE A 252 0.31 -2.52 19.78
N VAL A 253 0.07 -3.35 18.77
CA VAL A 253 -0.84 -4.49 18.86
C VAL A 253 -0.05 -5.72 18.44
N GLY A 254 0.24 -6.60 19.40
CA GLY A 254 1.00 -7.80 19.09
C GLY A 254 0.23 -8.75 18.18
N THR A 255 0.98 -9.52 17.39
CA THR A 255 0.41 -10.51 16.48
C THR A 255 1.16 -11.82 16.65
N GLN A 256 0.63 -12.86 16.01
CA GLN A 256 1.30 -14.16 16.05
C GLN A 256 2.63 -14.13 15.33
N SER A 257 2.80 -13.22 14.37
CA SER A 257 4.08 -13.09 13.69
CA SER A 257 4.08 -13.09 13.69
C SER A 257 5.13 -12.45 14.60
N VAL A 258 4.71 -11.47 15.40
CA VAL A 258 5.64 -10.88 16.36
C VAL A 258 5.97 -11.88 17.46
N ASP A 259 4.95 -12.62 17.92
CA ASP A 259 5.19 -13.68 18.90
C ASP A 259 6.20 -14.68 18.38
N MET A 260 6.15 -15.01 17.09
CA MET A 260 7.12 -15.90 16.49
C MET A 260 8.53 -15.33 16.61
N LEU A 261 8.66 -14.01 16.42
CA LEU A 261 9.97 -13.37 16.56
C LEU A 261 10.45 -13.39 18.01
N ALA A 262 9.54 -13.18 18.97
CA ALA A 262 9.93 -13.24 20.37
C ALA A 262 10.37 -14.64 20.76
N VAL A 263 9.72 -15.67 20.21
CA VAL A 263 10.04 -17.05 20.57
C VAL A 263 11.42 -17.43 20.04
N LYS A 264 11.69 -17.10 18.78
CA LYS A 264 12.96 -17.51 18.17
C LYS A 264 14.15 -16.79 18.79
N THR A 265 13.94 -15.58 19.33
CA THR A 265 15.04 -14.80 19.87
C THR A 265 15.19 -14.91 21.38
N GLY A 266 14.12 -15.24 22.10
CA GLY A 266 14.18 -15.13 23.54
C GLY A 266 14.15 -13.70 24.06
N VAL A 267 13.79 -12.74 23.21
CA VAL A 267 13.65 -11.35 23.61
C VAL A 267 12.17 -11.01 23.64
N ALA A 268 11.69 -10.53 24.78
CA ALA A 268 10.28 -10.22 24.94
C ALA A 268 9.92 -8.91 24.25
N ILE A 269 8.65 -8.82 23.83
CA ILE A 269 8.16 -7.59 23.21
C ILE A 269 8.37 -6.41 24.14
N GLU A 270 8.15 -6.61 25.44
CA GLU A 270 8.23 -5.51 26.39
C GLU A 270 9.64 -4.95 26.51
N GLN A 271 10.66 -5.78 26.28
CA GLN A 271 12.03 -5.28 26.26
C GLN A 271 12.26 -4.36 25.07
N LEU A 272 11.76 -4.75 23.89
CA LEU A 272 11.93 -3.92 22.70
C LEU A 272 11.08 -2.66 22.78
N LEU A 273 9.90 -2.72 23.40
CA LEU A 273 9.12 -1.52 23.65
C LEU A 273 9.92 -0.51 24.46
N TYR A 274 10.56 -0.99 25.53
CA TYR A 274 11.48 -0.16 26.29
C TYR A 274 12.63 0.35 25.43
N ALA A 275 13.19 -0.53 24.59
CA ALA A 275 14.28 -0.12 23.71
C ALA A 275 13.85 1.01 22.79
N ILE A 276 12.64 0.91 22.21
CA ILE A 276 12.14 1.97 21.34
C ILE A 276 12.02 3.28 22.10
N GLN A 277 11.57 3.23 23.35
CA GLN A 277 11.42 4.45 24.13
C GLN A 277 12.75 5.17 24.32
N GLN A 278 13.82 4.41 24.55
CA GLN A 278 15.14 5.02 24.73
C GLN A 278 15.77 5.40 23.40
N LEU A 279 15.61 4.53 22.38
CA LEU A 279 16.16 4.84 21.06
C LEU A 279 15.51 6.07 20.46
N TYR A 280 14.25 6.35 20.83
CA TYR A 280 13.59 7.56 20.33
C TYR A 280 14.24 8.82 20.86
N THR A 281 14.84 8.76 22.05
CA THR A 281 15.60 9.89 22.56
C THR A 281 16.90 10.09 21.82
N GLY A 282 17.42 9.06 21.15
CA GLY A 282 18.65 9.16 20.40
C GLY A 282 19.41 7.86 20.31
N PHE A 283 20.06 7.61 19.17
CA PHE A 283 20.86 6.42 19.00
C PHE A 283 22.24 6.53 19.65
N GLN A 284 22.60 7.73 20.12
CA GLN A 284 23.86 7.96 20.83
C GLN A 284 25.07 7.55 19.98
N GLY A 285 25.01 7.88 18.69
CA GLY A 285 26.11 7.59 17.77
C GLY A 285 26.17 6.18 17.26
N LYS A 286 25.54 5.22 17.94
CA LYS A 286 25.56 3.84 17.49
C LYS A 286 24.63 3.66 16.30
N GLN A 287 24.62 2.45 15.74
CA GLN A 287 23.81 2.15 14.56
C GLN A 287 23.15 0.80 14.75
N ILE A 288 21.97 0.65 14.14
CA ILE A 288 21.24 -0.61 14.12
C ILE A 288 20.99 -0.96 12.65
N LEU A 289 21.56 -2.09 12.22
CA LEU A 289 21.48 -2.52 10.83
C LEU A 289 21.95 -1.42 9.88
N GLY A 290 22.96 -0.67 10.32
CA GLY A 290 23.49 0.41 9.53
C GLY A 290 22.63 1.65 9.48
N SER A 291 21.68 1.80 10.41
CA SER A 291 20.78 2.92 10.44
C SER A 291 20.90 3.65 11.77
N THR A 292 20.82 4.98 11.72
CA THR A 292 20.87 5.81 12.92
C THR A 292 19.48 6.29 13.35
N MET A 293 18.43 5.93 12.62
CA MET A 293 17.07 6.25 13.02
C MET A 293 16.22 4.98 12.99
N LEU A 294 15.11 5.03 13.72
CA LEU A 294 14.21 3.89 13.80
C LEU A 294 13.57 3.60 12.45
N GLU A 295 13.45 2.32 12.13
CA GLU A 295 12.92 1.86 10.85
C GLU A 295 11.56 1.20 11.06
N ASP A 296 10.55 1.67 10.36
CA ASP A 296 9.21 1.09 10.45
C ASP A 296 8.68 0.66 9.08
N GLU A 297 9.57 0.42 8.12
CA GLU A 297 9.17 0.04 6.77
C GLU A 297 9.32 -1.45 6.52
N PHE A 298 9.58 -2.24 7.55
CA PHE A 298 9.64 -3.69 7.46
C PHE A 298 8.64 -4.27 8.46
N THR A 299 7.74 -5.12 7.97
CA THR A 299 6.70 -5.72 8.80
C THR A 299 7.21 -7.00 9.44
N PRO A 300 6.51 -7.51 10.45
CA PRO A 300 6.91 -8.81 11.02
C PRO A 300 6.90 -9.94 10.01
N GLU A 301 5.97 -9.90 9.05
CA GLU A 301 5.95 -10.92 8.00
C GLU A 301 7.18 -10.81 7.11
N ASP A 302 7.65 -9.58 6.87
CA ASP A 302 8.89 -9.39 6.10
C ASP A 302 10.06 -10.04 6.81
N VAL A 303 10.23 -9.74 8.10
CA VAL A 303 11.34 -10.31 8.87
C VAL A 303 11.18 -11.82 8.99
N ASN A 304 9.95 -12.29 9.18
CA ASN A 304 9.72 -13.73 9.28
C ASN A 304 10.08 -14.45 7.99
N MET A 305 9.75 -13.86 6.83
CA MET A 305 9.97 -14.54 5.56
C MET A 305 11.41 -14.41 5.11
N GLN A 306 11.97 -13.20 5.15
CA GLN A 306 13.26 -12.95 4.53
C GLN A 306 14.42 -13.49 5.36
N ILE A 307 14.30 -13.46 6.68
CA ILE A 307 15.38 -13.94 7.55
C ILE A 307 15.18 -15.39 7.94
N MET A 308 13.93 -15.81 8.16
CA MET A 308 13.65 -17.12 8.72
C MET A 308 12.95 -18.07 7.75
N GLY A 309 12.71 -17.64 6.51
CA GLY A 309 12.03 -18.50 5.56
C GLY A 309 10.63 -18.92 5.99
N VAL A 310 9.99 -18.13 6.84
CA VAL A 310 8.70 -18.47 7.43
C VAL A 310 7.64 -17.57 6.79
N VAL A 311 6.82 -18.16 5.93
CA VAL A 311 5.78 -17.40 5.23
C VAL A 311 4.46 -17.45 5.99
C11 A1AGX B . -6.37 13.63 -10.15
C12 A1AGX B . -7.53 14.17 -9.31
C13 A1AGX B . -8.82 14.17 -10.12
C14 A1AGX B . -7.70 13.36 -8.04
C15 A1AGX B . -3.92 13.15 -10.43
C17 A1AGX B . -2.77 11.19 -11.38
C18 A1AGX B . -1.52 10.58 -10.72
C10 A1AGX B . -5.01 13.62 -9.46
C23 A1AGX B . 0.10 12.56 -11.11
C19 A1AGX B . -0.60 11.64 -10.13
N21 A1AGX B . 1.59 11.90 -9.47
C22 A1AGX B . 1.30 13.04 -10.33
C02 A1AGX B . -3.98 17.22 -3.52
C03 A1AGX B . -5.28 16.95 -4.22
C04 A1AGX B . -4.89 16.92 -5.69
C05 A1AGX B . -3.42 16.51 -5.62
C06 A1AGX B . -2.61 16.86 -6.86
C08 A1AGX B . -3.61 15.15 -8.19
C20 A1AGX B . 0.55 11.09 -9.32
C25 A1AGX B . -3.55 10.15 -12.15
C30 A1AGX B . -1.89 18.16 -4.40
C31 A1AGX B . -2.28 19.61 -4.14
C32 A1AGX B . -1.07 20.50 -3.88
C33 A1AGX B . -1.52 21.94 -3.62
C34 A1AGX B . -2.31 22.48 -4.79
C35 A1AGX B . -3.51 21.60 -5.08
C36 A1AGX B . -3.08 20.15 -5.32
N09 A1AGX B . -4.72 14.94 -8.94
N16 A1AGX B . -3.60 11.84 -10.38
N29 A1AGX B . -3.06 17.31 -4.45
O01 A1AGX B . -3.80 17.36 -2.31
O07 A1AGX B . -3.39 16.47 -8.02
O24 A1AGX B . 0.53 10.06 -8.61
O26 A1AGX B . -2.76 9.63 -13.19
O27 A1AGX B . -3.38 13.94 -11.19
O28 A1AGX B . -2.91 14.26 -7.74
#